data_2XCV
#
_entry.id   2XCV
#
_cell.length_a   91.570
_cell.length_b   127.790
_cell.length_c   130.610
_cell.angle_alpha   90.00
_cell.angle_beta   90.00
_cell.angle_gamma   90.00
#
_symmetry.space_group_name_H-M   'I 2 2 2'
#
loop_
_entity.id
_entity.type
_entity.pdbx_description
1 polymer "CYTOSOLIC PURINE 5'-NUCLEOTIDASE"
2 non-polymer '(2R)-2,3-diphosphoglyceric acid'
3 non-polymer GLYCEROL
4 non-polymer 'INOSINIC ACID'
5 non-polymer 'MAGNESIUM ION'
6 water water
#
_entity_poly.entity_id   1
_entity_poly.type   'polypeptide(L)'
_entity_poly.pdbx_seq_one_letter_code
;GSSHHHHHHSSGLVPRGSMSTSWSDRLQNAADMPANMDKHALKKYRREAYHRVFVNRSLAMEKIKCFGFNMDYTLAVYKS
PEYESLGFELTVERLVSIGYPQELLSFAYDSTFPTRGLVFDTLYGNLLKVDAYGNLLVCAHGFNFIRGPETREQYPNKFI
QRDDTERFYILNTLFNLPETYLLACLVDFFTNCPRYTSCETGFKDGDLFMSYRSMFQDVRDAVDWVHYKGSLKEKTVENL
EKYVVKDGKLPLLLSRMKEVGKVFLATNSDYKYTDKIMTYLFDFPHGPKPGSSHRPWQSYFDLILVDARKPLFFGEGTVL
RQVDTKTGKLKIGTYTGPLQHGIVYSGGSSDTICDLLGAKGKDILYIGDHIFGDILKSKKRQGWRTFLVIPELAQELHVW
TDKSSLFEELQSLDIFLAELYKHLDSSSNERPDISSIQRRIKKVTHDMDMCYGMMGSLFRSGSRQTLFASQVMRYADLYA
ASFINLLYYPFSYLFRAAHVLMPHESTVEHTHVDINEMESPLATRNRTSVDFKDTDYKRHQLTRSISEIKPPNL
;
_entity_poly.pdbx_strand_id   A
#
loop_
_chem_comp.id
_chem_comp.type
_chem_comp.name
_chem_comp.formula
DG2 non-polymer '(2R)-2,3-diphosphoglyceric acid' 'C3 H8 O10 P2'
GOL non-polymer GLYCEROL 'C3 H8 O3'
IMP non-polymer 'INOSINIC ACID' 'C10 H13 N4 O8 P'
MG non-polymer 'MAGNESIUM ION' 'Mg 2'
#
# COMPACT_ATOMS: atom_id res chain seq x y z
N THR A 21 -15.73 4.87 11.39
CA THR A 21 -15.74 4.16 10.05
C THR A 21 -14.39 4.22 9.33
N SER A 22 -13.56 3.21 9.55
CA SER A 22 -12.32 3.03 8.82
C SER A 22 -12.61 2.73 7.33
N TRP A 23 -11.59 2.86 6.49
CA TRP A 23 -11.69 2.45 5.07
C TRP A 23 -11.94 0.96 4.90
N SER A 24 -11.39 0.16 5.82
CA SER A 24 -11.59 -1.30 5.79
C SER A 24 -13.07 -1.69 6.14
N ASP A 25 -13.78 -0.86 6.94
CA ASP A 25 -15.26 -0.97 7.17
C ASP A 25 -16.05 -0.72 5.89
N ARG A 26 -15.73 0.37 5.18
CA ARG A 26 -16.31 0.57 3.83
C ARG A 26 -16.09 -0.63 2.91
N LEU A 27 -14.83 -1.08 2.83
CA LEU A 27 -14.51 -2.22 2.02
C LEU A 27 -15.26 -3.50 2.43
N GLN A 28 -15.33 -3.76 3.74
CA GLN A 28 -15.98 -4.99 4.20
C GLN A 28 -17.50 -4.89 3.96
N ASN A 29 -18.09 -3.70 4.15
CA ASN A 29 -19.50 -3.48 3.80
C ASN A 29 -19.77 -3.79 2.34
N ALA A 30 -18.92 -3.30 1.47
CA ALA A 30 -19.11 -3.60 0.05
C ALA A 30 -18.90 -5.08 -0.23
N ALA A 31 -17.96 -5.70 0.50
CA ALA A 31 -17.62 -7.13 0.36
C ALA A 31 -18.77 -8.06 0.73
N ASP A 32 -19.64 -7.60 1.63
CA ASP A 32 -20.74 -8.41 2.15
C ASP A 32 -21.87 -8.51 1.12
N MET A 33 -21.90 -7.56 0.19
CA MET A 33 -22.87 -7.60 -0.91
C MET A 33 -22.61 -8.68 -1.97
N PRO A 34 -23.65 -9.49 -2.27
CA PRO A 34 -23.56 -10.43 -3.38
C PRO A 34 -23.51 -9.66 -4.69
N ALA A 35 -22.94 -10.29 -5.70
CA ALA A 35 -22.77 -9.70 -7.02
C ALA A 35 -24.06 -9.81 -7.82
N ASN A 36 -24.63 -8.67 -8.26
CA ASN A 36 -25.72 -8.68 -9.23
C ASN A 36 -25.17 -8.39 -10.61
N MET A 37 -25.04 -9.44 -11.43
CA MET A 37 -24.34 -9.36 -12.74
C MET A 37 -25.19 -8.94 -13.95
N ASP A 38 -26.39 -8.43 -13.68
CA ASP A 38 -27.23 -7.84 -14.71
C ASP A 38 -26.52 -6.59 -15.29
N LYS A 39 -26.38 -6.54 -16.62
CA LYS A 39 -25.74 -5.42 -17.37
C LYS A 39 -26.09 -3.99 -16.93
N HIS A 40 -27.35 -3.76 -16.60
CA HIS A 40 -27.80 -2.45 -16.18
C HIS A 40 -27.46 -2.17 -14.74
N ALA A 41 -27.52 -3.22 -13.91
CA ALA A 41 -27.16 -3.18 -12.51
C ALA A 41 -25.65 -2.92 -12.39
N LEU A 42 -24.83 -3.59 -13.21
CA LEU A 42 -23.37 -3.34 -13.19
C LEU A 42 -23.09 -1.88 -13.53
N LYS A 43 -23.61 -1.45 -14.68
CA LYS A 43 -23.47 -0.10 -15.18
C LYS A 43 -23.82 0.97 -14.14
N LYS A 44 -24.91 0.82 -13.38
CA LYS A 44 -25.26 1.90 -12.44
C LYS A 44 -24.48 1.86 -11.10
N TYR A 45 -24.04 0.66 -10.72
CA TYR A 45 -23.12 0.46 -9.60
C TYR A 45 -21.78 1.25 -9.75
N ARG A 46 -21.13 1.14 -10.91
CA ARG A 46 -19.91 1.86 -11.25
C ARG A 46 -20.14 3.34 -11.54
N ARG A 47 -21.36 3.83 -11.31
CA ARG A 47 -21.64 5.25 -11.26
C ARG A 47 -21.10 5.78 -9.95
N GLU A 48 -21.29 5.01 -8.87
CA GLU A 48 -20.82 5.49 -7.57
C GLU A 48 -19.30 5.49 -7.54
N ALA A 49 -18.71 6.51 -6.89
CA ALA A 49 -17.27 6.69 -6.96
C ALA A 49 -16.59 5.50 -6.29
N TYR A 50 -17.23 4.95 -5.25
CA TYR A 50 -16.73 3.80 -4.41
C TYR A 50 -16.44 2.56 -5.23
N HIS A 51 -17.19 2.42 -6.31
CA HIS A 51 -17.16 1.26 -7.14
C HIS A 51 -16.57 1.52 -8.51
N ARG A 52 -15.99 2.72 -8.71
CA ARG A 52 -15.37 3.07 -9.99
C ARG A 52 -13.92 2.65 -10.08
N VAL A 53 -13.51 2.34 -11.30
CA VAL A 53 -12.10 2.30 -11.67
C VAL A 53 -11.70 3.68 -12.29
N PHE A 54 -10.68 4.34 -11.70
CA PHE A 54 -10.20 5.66 -12.19
C PHE A 54 -9.04 5.50 -13.16
N VAL A 55 -9.01 6.34 -14.21
CA VAL A 55 -8.09 6.16 -15.38
C VAL A 55 -7.07 7.34 -15.49
N ASN A 56 -5.78 7.03 -15.43
CA ASN A 56 -4.74 8.03 -15.69
C ASN A 56 -4.31 7.97 -17.15
N ARG A 57 -4.28 6.75 -17.71
CA ARG A 57 -4.00 6.55 -19.13
C ARG A 57 -4.93 5.50 -19.67
N SER A 58 -5.35 5.69 -20.92
CA SER A 58 -6.25 4.80 -21.60
C SER A 58 -5.74 3.37 -21.63
N LEU A 59 -6.66 2.44 -21.40
CA LEU A 59 -6.29 1.05 -21.40
C LEU A 59 -7.46 0.26 -21.99
N ALA A 60 -7.17 -0.50 -23.06
CA ALA A 60 -8.19 -1.26 -23.78
C ALA A 60 -8.22 -2.67 -23.15
N MET A 61 -9.26 -2.98 -22.41
CA MET A 61 -9.22 -4.22 -21.64
C MET A 61 -9.11 -5.45 -22.51
N GLU A 62 -9.53 -5.37 -23.79
CA GLU A 62 -9.45 -6.55 -24.68
C GLU A 62 -8.05 -6.94 -25.11
N LYS A 63 -7.11 -6.00 -24.99
CA LYS A 63 -5.73 -6.30 -25.31
C LYS A 63 -4.98 -6.98 -24.18
N ILE A 64 -5.56 -6.97 -22.97
CA ILE A 64 -4.97 -7.61 -21.77
C ILE A 64 -5.13 -9.14 -21.84
N LYS A 65 -4.00 -9.84 -21.84
CA LYS A 65 -3.97 -11.26 -21.92
C LYS A 65 -3.66 -11.99 -20.58
N CYS A 66 -3.03 -11.29 -19.62
CA CYS A 66 -2.70 -11.81 -18.28
C CYS A 66 -3.04 -10.83 -17.21
N PHE A 67 -3.66 -11.32 -16.17
CA PHE A 67 -3.91 -10.48 -15.06
C PHE A 67 -3.05 -10.98 -13.95
N GLY A 68 -2.28 -10.09 -13.34
CA GLY A 68 -1.45 -10.53 -12.25
C GLY A 68 -1.81 -9.82 -10.99
N PHE A 69 -1.63 -10.50 -9.87
CA PHE A 69 -2.08 -9.95 -8.55
C PHE A 69 -1.01 -10.14 -7.53
N ASN A 70 -0.99 -9.22 -6.63
CA ASN A 70 -0.16 -9.25 -5.45
C ASN A 70 -1.14 -9.67 -4.36
N MET A 71 -0.64 -10.14 -3.23
CA MET A 71 -1.48 -10.64 -2.20
C MET A 71 -1.76 -9.65 -1.11
N ASP A 72 -0.75 -9.34 -0.31
CA ASP A 72 -0.91 -8.42 0.83
C ASP A 72 -1.27 -7.00 0.46
N TYR A 73 -2.38 -6.56 1.08
CA TYR A 73 -3.06 -5.29 0.84
C TYR A 73 -3.59 -5.11 -0.56
N THR A 74 -3.65 -6.22 -1.29
CA THR A 74 -4.27 -6.23 -2.63
C THR A 74 -5.39 -7.27 -2.59
N LEU A 75 -5.09 -8.57 -2.59
CA LEU A 75 -6.12 -9.59 -2.50
C LEU A 75 -6.57 -9.69 -1.01
N ALA A 76 -5.62 -9.49 -0.09
CA ALA A 76 -5.84 -9.68 1.30
C ALA A 76 -5.66 -8.32 1.93
N VAL A 77 -6.77 -7.63 2.14
CA VAL A 77 -6.74 -6.32 2.74
C VAL A 77 -6.93 -6.46 4.27
N TYR A 78 -5.97 -5.97 5.02
CA TYR A 78 -6.03 -6.08 6.48
C TYR A 78 -6.91 -5.04 7.13
N LYS A 79 -7.70 -5.47 8.11
CA LYS A 79 -8.63 -4.55 8.78
C LYS A 79 -7.95 -3.48 9.62
N SER A 80 -8.51 -2.27 9.54
CA SER A 80 -7.93 -1.10 10.18
C SER A 80 -8.93 -0.58 11.17
N PRO A 81 -8.47 -0.10 12.35
CA PRO A 81 -7.09 -0.01 12.89
C PRO A 81 -6.56 -1.30 13.52
N GLU A 82 -7.32 -2.40 13.51
CA GLU A 82 -6.91 -3.60 14.29
C GLU A 82 -5.58 -4.15 13.84
N TYR A 83 -5.34 -4.28 12.53
CA TYR A 83 -4.06 -4.87 12.12
C TYR A 83 -2.86 -3.91 12.37
N GLU A 84 -3.04 -2.61 12.13
CA GLU A 84 -1.97 -1.66 12.35
C GLU A 84 -1.65 -1.69 13.82
N SER A 85 -2.74 -1.69 14.60
CA SER A 85 -2.64 -1.71 16.02
C SER A 85 -1.95 -2.99 16.57
N LEU A 86 -2.20 -4.16 15.98
CA LEU A 86 -1.40 -5.37 16.28
C LEU A 86 0.07 -5.21 15.94
N GLY A 87 0.41 -4.67 14.77
CA GLY A 87 1.81 -4.54 14.39
C GLY A 87 2.54 -3.56 15.26
N PHE A 88 1.84 -2.49 15.61
CA PHE A 88 2.36 -1.46 16.53
C PHE A 88 2.74 -2.05 17.92
N GLU A 89 1.82 -2.87 18.48
N GLU A 89 1.86 -2.84 18.56
CA GLU A 89 2.03 -3.56 19.78
CA GLU A 89 2.26 -3.36 19.90
C GLU A 89 3.26 -4.42 19.79
C GLU A 89 3.32 -4.47 19.85
N LEU A 90 3.36 -5.26 18.78
CA LEU A 90 4.46 -6.20 18.64
C LEU A 90 5.80 -5.53 18.36
N THR A 91 5.80 -4.38 17.67
CA THR A 91 7.04 -3.64 17.40
C THR A 91 7.51 -2.94 18.67
N VAL A 92 6.58 -2.31 19.39
CA VAL A 92 6.86 -1.76 20.72
C VAL A 92 7.46 -2.87 21.63
N GLU A 93 6.80 -4.03 21.67
N GLU A 93 6.76 -4.01 21.68
CA GLU A 93 7.25 -5.12 22.56
CA GLU A 93 7.17 -5.13 22.52
C GLU A 93 8.62 -5.61 22.20
C GLU A 93 8.62 -5.49 22.19
N ARG A 94 8.91 -5.61 20.90
CA ARG A 94 10.29 -5.95 20.40
C ARG A 94 11.33 -4.92 20.87
N LEU A 95 10.98 -3.64 20.78
CA LEU A 95 11.92 -2.59 21.14
C LEU A 95 12.20 -2.64 22.66
N VAL A 96 11.16 -2.82 23.47
CA VAL A 96 11.30 -2.92 24.92
C VAL A 96 12.18 -4.13 25.25
N SER A 97 11.96 -5.23 24.56
CA SER A 97 12.72 -6.42 24.82
C SER A 97 14.23 -6.32 24.48
N ILE A 98 14.62 -5.42 23.56
CA ILE A 98 16.07 -5.18 23.33
C ILE A 98 16.58 -3.99 24.13
N GLY A 99 15.75 -3.37 24.97
CA GLY A 99 16.31 -2.39 25.86
C GLY A 99 15.75 -0.98 25.85
N TYR A 100 14.83 -0.66 24.93
CA TYR A 100 14.09 0.57 25.05
C TYR A 100 13.34 0.67 26.41
N PRO A 101 13.14 1.89 26.91
CA PRO A 101 12.48 1.95 28.20
C PRO A 101 11.00 1.48 28.25
N GLN A 102 10.59 0.95 29.41
CA GLN A 102 9.29 0.40 29.65
C GLN A 102 8.12 1.33 29.40
N GLU A 103 8.29 2.64 29.57
CA GLU A 103 7.23 3.58 29.21
C GLU A 103 6.62 3.36 27.83
N LEU A 104 7.39 2.81 26.89
CA LEU A 104 6.87 2.52 25.53
C LEU A 104 5.64 1.66 25.61
N LEU A 105 5.59 0.81 26.64
CA LEU A 105 4.43 -0.07 26.88
C LEU A 105 3.14 0.67 27.05
N SER A 106 3.22 1.98 27.27
CA SER A 106 2.00 2.73 27.46
C SER A 106 1.58 3.58 26.24
N PHE A 107 2.33 3.47 25.13
CA PHE A 107 1.88 3.99 23.81
C PHE A 107 0.67 3.15 23.35
N ALA A 108 -0.25 3.71 22.58
CA ALA A 108 -1.30 2.90 21.98
C ALA A 108 -1.52 3.50 20.63
N TYR A 109 -1.75 2.64 19.65
CA TYR A 109 -1.86 3.07 18.25
C TYR A 109 -3.01 4.05 18.12
N ASP A 110 -2.72 5.20 17.50
CA ASP A 110 -3.76 6.15 17.14
C ASP A 110 -3.85 6.25 15.61
N SER A 111 -4.93 5.72 15.05
CA SER A 111 -5.09 5.77 13.62
C SER A 111 -5.37 7.19 13.05
N THR A 112 -5.70 8.17 13.90
CA THR A 112 -5.99 9.48 13.38
C THR A 112 -4.71 10.28 13.06
N PHE A 113 -3.55 9.85 13.60
CA PHE A 113 -2.28 10.52 13.33
C PHE A 113 -1.64 10.20 11.95
N PRO A 114 -1.30 8.93 11.65
CA PRO A 114 -0.43 8.81 10.47
C PRO A 114 -1.23 8.89 9.15
N THR A 115 -0.64 9.53 8.16
CA THR A 115 -1.14 9.40 6.80
C THR A 115 -0.03 8.67 6.10
N ARG A 116 -0.38 7.89 5.11
CA ARG A 116 0.62 7.19 4.32
C ARG A 116 1.42 8.10 3.37
N GLY A 117 2.68 7.74 3.17
CA GLY A 117 3.53 8.40 2.20
C GLY A 117 4.40 9.48 2.83
N LEU A 118 4.41 9.59 4.15
CA LEU A 118 5.24 10.60 4.80
C LEU A 118 6.70 10.28 4.65
N VAL A 119 7.56 11.27 4.88
CA VAL A 119 8.99 11.07 4.82
C VAL A 119 9.56 11.27 6.21
N PHE A 120 10.34 10.33 6.70
CA PHE A 120 11.09 10.54 7.92
C PHE A 120 12.48 11.07 7.60
N ASP A 121 12.79 12.21 8.18
CA ASP A 121 14.06 12.82 8.05
C ASP A 121 14.89 12.36 9.21
N THR A 122 15.86 11.47 8.96
CA THR A 122 16.67 10.88 10.01
C THR A 122 17.70 11.86 10.57
N LEU A 123 17.94 13.01 9.92
CA LEU A 123 18.95 13.93 10.44
C LEU A 123 18.32 14.64 11.62
N TYR A 124 17.16 15.25 11.41
CA TYR A 124 16.48 16.06 12.41
C TYR A 124 15.27 15.45 13.15
N GLY A 125 14.81 14.26 12.71
CA GLY A 125 13.74 13.54 13.39
C GLY A 125 12.37 14.08 13.10
N ASN A 126 12.09 14.51 11.87
CA ASN A 126 10.80 15.10 11.55
C ASN A 126 10.11 14.15 10.60
N LEU A 127 8.79 14.11 10.64
CA LEU A 127 8.00 13.49 9.60
C LEU A 127 7.52 14.61 8.70
N LEU A 128 7.70 14.42 7.40
CA LEU A 128 7.39 15.48 6.43
C LEU A 128 6.39 14.94 5.45
N LYS A 129 5.46 15.79 5.05
CA LYS A 129 4.65 15.53 3.92
C LYS A 129 5.13 16.53 2.85
N VAL A 130 5.49 15.97 1.71
CA VAL A 130 6.12 16.73 0.61
C VAL A 130 5.31 16.58 -0.66
N ASP A 131 5.48 17.55 -1.56
CA ASP A 131 5.00 17.37 -2.95
C ASP A 131 6.02 16.64 -3.84
N ALA A 132 5.67 16.47 -5.14
CA ALA A 132 6.53 15.75 -6.12
C ALA A 132 7.91 16.38 -6.28
N TYR A 133 8.03 17.67 -5.95
CA TYR A 133 9.30 18.43 -6.09
C TYR A 133 10.12 18.49 -4.83
N GLY A 134 9.66 17.87 -3.74
CA GLY A 134 10.38 17.91 -2.48
C GLY A 134 10.01 19.15 -1.66
N ASN A 135 8.98 19.92 -2.05
CA ASN A 135 8.55 21.03 -1.22
C ASN A 135 7.73 20.56 0.00
N LEU A 136 7.91 21.24 1.15
CA LEU A 136 7.35 20.83 2.43
C LEU A 136 5.97 21.31 2.49
N LEU A 137 5.05 20.37 2.78
CA LEU A 137 3.62 20.71 2.97
C LEU A 137 3.29 20.69 4.43
N VAL A 138 3.87 19.72 5.16
CA VAL A 138 3.68 19.60 6.59
C VAL A 138 5.00 19.13 7.21
N CYS A 139 5.30 19.66 8.37
CA CYS A 139 6.44 19.22 9.14
C CYS A 139 6.03 19.05 10.61
N ALA A 140 6.17 17.81 11.11
CA ALA A 140 5.90 17.49 12.50
C ALA A 140 7.11 16.89 13.18
N HIS A 141 7.47 17.43 14.35
CA HIS A 141 8.51 16.89 15.22
C HIS A 141 7.81 16.26 16.48
N GLY A 142 7.78 14.93 16.58
CA GLY A 142 6.91 14.27 17.55
C GLY A 142 5.49 14.66 17.17
N PHE A 143 4.74 15.24 18.12
CA PHE A 143 3.36 15.67 17.84
C PHE A 143 3.25 17.21 17.71
N ASN A 144 4.38 17.88 17.51
CA ASN A 144 4.44 19.30 17.41
C ASN A 144 4.53 19.66 15.92
N PHE A 145 3.44 20.19 15.36
CA PHE A 145 3.38 20.72 14.00
C PHE A 145 4.03 22.08 13.83
N ILE A 146 5.17 22.05 13.15
CA ILE A 146 6.05 23.19 12.91
C ILE A 146 5.50 24.05 11.75
N ARG A 147 5.56 25.37 11.92
CA ARG A 147 4.96 26.31 10.97
C ARG A 147 6.11 26.98 10.23
N GLY A 148 5.80 27.66 9.12
CA GLY A 148 6.79 28.29 8.23
C GLY A 148 8.15 28.77 8.76
N PRO A 149 8.15 29.79 9.66
CA PRO A 149 9.43 30.39 10.10
C PRO A 149 10.33 29.46 10.86
N GLU A 150 9.74 28.60 11.68
CA GLU A 150 10.52 27.59 12.43
C GLU A 150 11.07 26.47 11.51
N THR A 151 10.34 26.13 10.44
CA THR A 151 10.80 25.07 9.53
C THR A 151 12.02 25.52 8.76
N ARG A 152 11.99 26.79 8.37
CA ARG A 152 13.07 27.42 7.60
C ARG A 152 14.41 27.42 8.33
N GLU A 153 14.39 27.26 9.65
CA GLU A 153 15.69 27.07 10.34
C GLU A 153 16.38 25.77 9.94
N GLN A 154 15.63 24.68 9.73
CA GLN A 154 16.21 23.38 9.36
C GLN A 154 16.14 23.10 7.87
N TYR A 155 15.15 23.72 7.21
CA TYR A 155 14.93 23.61 5.75
C TYR A 155 14.83 25.02 5.17
N PRO A 156 15.99 25.63 4.88
CA PRO A 156 16.02 27.08 4.51
C PRO A 156 15.28 27.36 3.15
N ASN A 157 15.20 26.36 2.27
CA ASN A 157 14.45 26.51 1.03
C ASN A 157 13.09 25.82 1.14
N LYS A 158 12.74 25.37 2.35
CA LYS A 158 11.49 24.55 2.56
C LYS A 158 11.36 23.40 1.55
N PHE A 159 12.42 22.60 1.42
CA PHE A 159 12.57 21.67 0.29
C PHE A 159 13.54 20.65 0.79
N ILE A 160 13.38 19.41 0.36
CA ILE A 160 14.35 18.36 0.69
C ILE A 160 14.69 17.70 -0.63
N GLN A 161 15.89 17.12 -0.73
CA GLN A 161 16.26 16.35 -1.92
C GLN A 161 15.87 14.91 -1.74
N ARG A 162 14.76 14.44 -2.36
CA ARG A 162 14.34 13.04 -2.10
C ARG A 162 15.36 12.02 -2.52
N ASP A 163 16.22 12.33 -3.48
CA ASP A 163 17.28 11.39 -3.87
C ASP A 163 18.30 11.06 -2.77
N ASP A 164 18.26 11.79 -1.65
CA ASP A 164 19.16 11.54 -0.56
C ASP A 164 18.58 10.43 0.34
N THR A 165 18.54 9.22 -0.20
CA THR A 165 17.94 8.05 0.42
C THR A 165 18.64 7.58 1.70
N GLU A 166 19.80 8.12 1.97
CA GLU A 166 20.49 7.85 3.20
C GLU A 166 19.89 8.71 4.31
N ARG A 167 19.35 9.89 3.99
CA ARG A 167 18.81 10.80 4.99
C ARG A 167 17.26 10.66 5.20
N PHE A 168 16.56 10.39 4.13
CA PHE A 168 15.14 10.50 4.04
C PHE A 168 14.57 9.13 3.72
N TYR A 169 13.60 8.67 4.48
CA TYR A 169 12.98 7.38 4.18
C TYR A 169 11.49 7.60 3.95
N ILE A 170 10.98 7.06 2.87
CA ILE A 170 9.60 7.33 2.48
C ILE A 170 8.72 6.17 2.92
N LEU A 171 7.67 6.50 3.66
CA LEU A 171 6.90 5.50 4.41
C LEU A 171 5.66 5.22 3.55
N ASN A 172 5.92 4.44 2.51
CA ASN A 172 5.07 4.23 1.38
C ASN A 172 3.91 3.24 1.41
N THR A 173 3.97 2.27 2.32
CA THR A 173 3.00 1.18 2.24
C THR A 173 2.14 1.22 3.50
N LEU A 174 1.06 0.45 3.46
CA LEU A 174 0.16 0.44 4.55
C LEU A 174 0.82 -0.32 5.79
N PHE A 175 1.80 -1.19 5.54
CA PHE A 175 2.64 -1.80 6.55
C PHE A 175 3.47 -0.84 7.35
N ASN A 176 3.60 0.38 6.86
CA ASN A 176 4.47 1.44 7.49
C ASN A 176 3.68 2.40 8.39
N LEU A 177 2.35 2.28 8.37
CA LEU A 177 1.52 3.06 9.24
C LEU A 177 1.84 2.88 10.70
N PRO A 178 1.94 1.62 11.20
CA PRO A 178 2.44 1.57 12.58
C PRO A 178 3.75 2.31 12.88
N GLU A 179 4.78 2.07 12.08
CA GLU A 179 6.05 2.72 12.34
C GLU A 179 6.04 4.26 12.18
N THR A 180 5.20 4.80 11.28
CA THR A 180 4.99 6.25 11.12
C THR A 180 4.51 6.82 12.45
N TYR A 181 3.51 6.19 13.05
CA TYR A 181 3.03 6.63 14.37
C TYR A 181 4.07 6.42 15.44
N LEU A 182 4.75 5.27 15.41
CA LEU A 182 5.77 4.98 16.41
C LEU A 182 6.96 5.97 16.46
N LEU A 183 7.43 6.40 15.31
CA LEU A 183 8.51 7.41 15.26
C LEU A 183 8.12 8.71 15.94
N ALA A 184 6.95 9.25 15.58
CA ALA A 184 6.33 10.36 16.30
C ALA A 184 6.20 10.15 17.83
N CYS A 185 5.62 9.04 18.28
CA CYS A 185 5.60 8.63 19.71
C CYS A 185 6.95 8.66 20.38
N LEU A 186 7.93 8.03 19.75
CA LEU A 186 9.31 7.99 20.26
C LEU A 186 9.98 9.36 20.35
N VAL A 187 9.95 10.14 19.27
CA VAL A 187 10.47 11.50 19.33
C VAL A 187 9.77 12.36 20.43
N ASP A 188 8.45 12.24 20.52
CA ASP A 188 7.66 12.93 21.61
C ASP A 188 8.05 12.47 23.02
N PHE A 189 8.15 11.18 23.23
CA PHE A 189 8.63 10.60 24.49
C PHE A 189 9.99 11.11 24.90
N PHE A 190 11.04 10.91 24.10
CA PHE A 190 12.38 11.33 24.49
C PHE A 190 12.53 12.85 24.65
N THR A 191 11.85 13.66 23.82
CA THR A 191 11.85 15.10 23.97
C THR A 191 11.33 15.59 25.33
N ASN A 192 10.29 14.94 25.83
CA ASN A 192 9.62 15.38 27.02
C ASN A 192 10.01 14.63 28.27
N CYS A 193 10.88 13.63 28.18
CA CYS A 193 11.28 12.90 29.35
C CYS A 193 12.63 13.47 29.79
N PRO A 194 12.70 13.96 31.05
CA PRO A 194 13.81 14.76 31.59
C PRO A 194 15.10 13.98 31.86
N ARG A 195 15.06 12.64 31.79
CA ARG A 195 16.29 11.83 31.68
C ARG A 195 17.13 12.13 30.41
N TYR A 196 16.49 12.56 29.33
CA TYR A 196 17.24 12.81 28.08
C TYR A 196 17.42 14.29 27.74
N THR A 197 18.51 14.63 27.06
CA THR A 197 18.70 16.01 26.52
C THR A 197 18.54 16.02 24.99
N SER A 198 17.71 16.94 24.51
CA SER A 198 17.43 17.04 23.11
C SER A 198 18.52 17.80 22.46
N CYS A 199 19.12 17.24 21.43
CA CYS A 199 20.06 17.97 20.59
C CYS A 199 19.49 18.05 19.16
N GLU A 200 20.21 18.71 18.27
CA GLU A 200 19.69 18.90 16.94
C GLU A 200 19.39 17.56 16.22
N THR A 201 20.25 16.57 16.47
CA THR A 201 20.28 15.33 15.68
C THR A 201 19.97 14.07 16.49
N GLY A 202 19.60 14.26 17.76
CA GLY A 202 19.23 13.15 18.62
C GLY A 202 19.09 13.52 20.08
N PHE A 203 19.27 12.50 20.93
CA PHE A 203 19.12 12.59 22.40
C PHE A 203 20.35 12.10 23.12
N LYS A 204 20.78 12.87 24.09
CA LYS A 204 21.88 12.52 24.99
C LYS A 204 21.31 11.94 26.31
N ASP A 205 21.77 10.75 26.70
CA ASP A 205 21.34 10.10 27.96
C ASP A 205 22.61 9.76 28.75
N GLY A 206 23.14 10.73 29.47
CA GLY A 206 24.46 10.57 30.09
C GLY A 206 25.54 10.48 29.02
N ASP A 207 26.21 9.33 28.96
CA ASP A 207 27.28 9.03 27.96
C ASP A 207 26.79 8.22 26.76
N LEU A 208 25.49 8.02 26.65
CA LEU A 208 24.97 7.45 25.44
C LEU A 208 24.34 8.55 24.60
N PHE A 209 24.63 8.55 23.30
CA PHE A 209 23.96 9.43 22.34
C PHE A 209 23.13 8.62 21.35
N MET A 210 21.80 8.83 21.37
N MET A 210 21.81 8.84 21.33
CA MET A 210 20.92 8.20 20.41
CA MET A 210 20.94 8.13 20.41
C MET A 210 20.51 9.24 19.34
C MET A 210 20.41 9.10 19.31
N SER A 211 21.00 9.01 18.12
CA SER A 211 20.65 9.84 17.02
C SER A 211 19.26 9.42 16.51
N TYR A 212 18.50 10.34 15.95
CA TYR A 212 17.27 9.99 15.23
C TYR A 212 17.51 8.93 14.14
N ARG A 213 18.72 8.93 13.54
CA ARG A 213 19.12 7.98 12.50
C ARG A 213 19.16 6.57 13.08
N SER A 214 19.84 6.37 14.22
CA SER A 214 19.94 5.04 14.75
C SER A 214 18.65 4.58 15.49
N MET A 215 17.94 5.51 16.12
CA MET A 215 16.56 5.29 16.53
C MET A 215 15.65 4.79 15.37
N PHE A 216 15.64 5.51 14.26
CA PHE A 216 14.89 5.11 13.09
C PHE A 216 15.25 3.68 12.67
N GLN A 217 16.53 3.36 12.66
CA GLN A 217 17.05 2.06 12.18
C GLN A 217 16.57 0.95 13.13
N ASP A 218 16.61 1.22 14.44
CA ASP A 218 15.98 0.32 15.44
C ASP A 218 14.50 0.02 15.15
N VAL A 219 13.70 1.03 14.86
CA VAL A 219 12.28 0.83 14.61
C VAL A 219 12.12 -0.05 13.37
N ARG A 220 12.90 0.26 12.36
CA ARG A 220 12.85 -0.41 11.06
C ARG A 220 13.24 -1.91 11.27
N ASP A 221 14.30 -2.15 12.04
CA ASP A 221 14.73 -3.51 12.34
C ASP A 221 13.67 -4.25 13.14
N ALA A 222 13.12 -3.61 14.17
CA ALA A 222 12.03 -4.22 14.96
C ALA A 222 10.83 -4.61 14.10
N VAL A 223 10.36 -3.70 13.21
CA VAL A 223 9.29 -4.04 12.24
C VAL A 223 9.67 -5.24 11.39
N ASP A 224 10.88 -5.26 10.89
CA ASP A 224 11.35 -6.36 10.07
C ASP A 224 11.29 -7.68 10.88
N TRP A 225 11.80 -7.63 12.12
CA TRP A 225 11.85 -8.76 13.02
C TRP A 225 10.43 -9.29 13.29
N VAL A 226 9.50 -8.43 13.65
CA VAL A 226 8.11 -8.81 13.86
C VAL A 226 7.46 -9.59 12.66
N HIS A 227 7.74 -9.17 11.43
CA HIS A 227 7.28 -9.85 10.22
C HIS A 227 8.07 -11.12 9.97
N TYR A 228 9.38 -11.11 10.21
CA TYR A 228 10.12 -12.30 9.82
C TYR A 228 10.28 -13.32 10.96
N LYS A 229 10.33 -12.86 12.20
CA LYS A 229 10.74 -13.72 13.28
C LYS A 229 9.81 -13.65 14.50
N GLY A 230 8.88 -12.72 14.53
CA GLY A 230 8.03 -12.61 15.64
C GLY A 230 6.69 -13.20 15.34
N SER A 231 5.69 -12.63 15.99
CA SER A 231 4.45 -13.34 16.16
C SER A 231 3.29 -12.70 15.39
N LEU A 232 3.61 -11.75 14.51
CA LEU A 232 2.56 -11.06 13.72
C LEU A 232 1.76 -12.04 12.84
N LYS A 233 2.48 -12.86 12.07
CA LYS A 233 1.90 -13.89 11.20
C LYS A 233 1.06 -14.94 11.92
N GLU A 234 1.62 -15.59 12.92
CA GLU A 234 0.89 -16.48 13.84
C GLU A 234 -0.38 -15.82 14.43
N LYS A 235 -0.28 -14.58 14.92
CA LYS A 235 -1.47 -13.94 15.52
C LYS A 235 -2.54 -13.53 14.52
N THR A 236 -2.13 -13.19 13.29
CA THR A 236 -3.10 -12.86 12.22
C THR A 236 -3.92 -14.09 11.81
N VAL A 237 -3.23 -15.17 11.53
CA VAL A 237 -3.84 -16.41 11.05
C VAL A 237 -4.72 -17.12 12.12
N GLU A 238 -4.48 -16.86 13.40
CA GLU A 238 -5.32 -17.44 14.41
C GLU A 238 -6.58 -16.62 14.61
N ASN A 239 -6.70 -15.49 13.94
CA ASN A 239 -7.96 -14.74 14.05
C ASN A 239 -8.23 -13.98 12.78
N LEU A 240 -8.44 -14.77 11.73
CA LEU A 240 -8.57 -14.23 10.40
C LEU A 240 -9.74 -13.32 10.23
N GLU A 241 -10.87 -13.59 10.88
CA GLU A 241 -12.02 -12.70 10.71
C GLU A 241 -11.76 -11.30 11.33
N LYS A 242 -10.93 -11.29 12.35
CA LYS A 242 -10.60 -10.03 13.01
C LYS A 242 -9.71 -9.13 12.13
N TYR A 243 -8.79 -9.75 11.38
CA TYR A 243 -7.69 -9.09 10.74
C TYR A 243 -7.81 -8.94 9.23
N VAL A 244 -8.66 -9.71 8.55
CA VAL A 244 -8.61 -9.74 7.08
C VAL A 244 -9.99 -9.62 6.43
N VAL A 245 -10.22 -8.58 5.63
CA VAL A 245 -11.44 -8.44 4.73
C VAL A 245 -11.60 -9.66 3.80
N LYS A 246 -12.80 -10.24 3.79
CA LYS A 246 -13.12 -11.39 2.96
C LYS A 246 -14.40 -11.07 2.16
N ASP A 247 -14.47 -11.54 0.92
CA ASP A 247 -15.43 -11.06 -0.11
C ASP A 247 -15.73 -12.20 -1.06
N GLY A 248 -16.99 -12.64 -1.13
CA GLY A 248 -17.40 -13.75 -1.95
C GLY A 248 -17.38 -13.38 -3.40
N LYS A 249 -17.23 -12.10 -3.74
CA LYS A 249 -17.08 -11.69 -5.17
C LYS A 249 -15.66 -11.89 -5.79
N LEU A 250 -14.65 -12.11 -4.94
CA LEU A 250 -13.28 -12.45 -5.42
C LEU A 250 -13.19 -13.68 -6.35
N PRO A 251 -13.69 -14.88 -5.94
CA PRO A 251 -13.58 -15.99 -6.88
C PRO A 251 -14.37 -15.78 -8.14
N LEU A 252 -15.45 -15.02 -8.06
CA LEU A 252 -16.26 -14.66 -9.27
C LEU A 252 -15.39 -13.84 -10.25
N LEU A 253 -14.82 -12.71 -9.78
CA LEU A 253 -13.86 -11.91 -10.63
C LEU A 253 -12.74 -12.75 -11.22
N LEU A 254 -12.09 -13.57 -10.39
CA LEU A 254 -10.97 -14.32 -10.89
C LEU A 254 -11.34 -15.35 -11.90
N SER A 255 -12.49 -16.01 -11.74
CA SER A 255 -12.90 -17.02 -12.75
C SER A 255 -13.30 -16.33 -14.04
N ARG A 256 -13.86 -15.13 -13.96
CA ARG A 256 -14.21 -14.37 -15.18
C ARG A 256 -12.96 -13.96 -15.90
N MET A 257 -11.96 -13.46 -15.17
CA MET A 257 -10.64 -13.20 -15.77
C MET A 257 -10.04 -14.38 -16.50
N LYS A 258 -10.17 -15.57 -15.91
CA LYS A 258 -9.59 -16.79 -16.46
C LYS A 258 -10.25 -17.20 -17.77
N GLU A 259 -11.52 -16.81 -17.99
CA GLU A 259 -12.21 -17.07 -19.26
C GLU A 259 -11.61 -16.33 -20.45
N VAL A 260 -11.05 -15.16 -20.19
CA VAL A 260 -10.41 -14.37 -21.26
C VAL A 260 -8.88 -14.29 -21.23
N GLY A 261 -8.25 -14.64 -20.11
CA GLY A 261 -6.80 -14.67 -20.08
C GLY A 261 -6.16 -15.57 -19.05
N LYS A 262 -4.89 -15.33 -18.79
CA LYS A 262 -4.21 -16.05 -17.78
C LYS A 262 -4.21 -15.21 -16.50
N VAL A 263 -4.15 -15.88 -15.34
CA VAL A 263 -4.14 -15.21 -14.05
C VAL A 263 -2.94 -15.67 -13.27
N PHE A 264 -2.23 -14.75 -12.61
CA PHE A 264 -1.03 -15.17 -11.85
C PHE A 264 -0.99 -14.42 -10.50
N LEU A 265 -0.30 -15.02 -9.56
CA LEU A 265 -0.09 -14.46 -8.25
C LEU A 265 1.43 -14.26 -8.12
N ALA A 266 1.81 -13.07 -7.69
CA ALA A 266 3.21 -12.83 -7.35
C ALA A 266 3.26 -12.12 -6.02
N THR A 267 3.83 -12.72 -4.98
CA THR A 267 3.85 -12.11 -3.64
C THR A 267 5.26 -12.15 -3.07
N ASN A 268 5.58 -11.16 -2.24
CA ASN A 268 6.78 -11.22 -1.44
C ASN A 268 6.69 -12.20 -0.30
N SER A 269 5.48 -12.61 0.13
CA SER A 269 5.38 -13.65 1.22
C SER A 269 5.88 -15.03 0.80
N ASP A 270 6.15 -15.83 1.83
CA ASP A 270 6.46 -17.23 1.74
C ASP A 270 5.17 -18.07 1.43
N TYR A 271 5.38 -19.28 0.96
CA TYR A 271 4.25 -20.18 0.66
C TYR A 271 3.25 -20.49 1.82
N LYS A 272 3.78 -20.86 2.97
CA LYS A 272 2.96 -21.21 4.14
C LYS A 272 2.03 -20.09 4.54
N TYR A 273 2.52 -18.89 4.62
CA TYR A 273 1.63 -17.77 4.96
C TYR A 273 0.61 -17.47 3.84
N THR A 274 1.05 -17.58 2.58
CA THR A 274 0.17 -17.33 1.45
C THR A 274 -0.92 -18.38 1.40
N ASP A 275 -0.55 -19.64 1.59
CA ASP A 275 -1.55 -20.72 1.65
C ASP A 275 -2.65 -20.50 2.74
N LYS A 276 -2.27 -20.15 3.97
CA LYS A 276 -3.23 -19.75 5.01
C LYS A 276 -4.14 -18.58 4.67
N ILE A 277 -3.59 -17.48 4.13
CA ILE A 277 -4.41 -16.31 3.82
C ILE A 277 -5.29 -16.57 2.64
N MET A 278 -4.73 -17.16 1.58
CA MET A 278 -5.51 -17.45 0.39
C MET A 278 -6.64 -18.51 0.63
N THR A 279 -6.32 -19.59 1.35
CA THR A 279 -7.37 -20.52 1.77
C THR A 279 -8.50 -19.76 2.46
N TYR A 280 -8.16 -18.91 3.41
CA TYR A 280 -9.18 -18.07 4.09
C TYR A 280 -9.98 -17.21 3.10
N LEU A 281 -9.31 -16.52 2.17
CA LEU A 281 -10.00 -15.66 1.18
C LEU A 281 -11.03 -16.38 0.30
N PHE A 282 -10.84 -17.68 0.12
CA PHE A 282 -11.71 -18.47 -0.74
C PHE A 282 -12.62 -19.36 0.10
N ASP A 283 -12.65 -19.14 1.41
CA ASP A 283 -13.36 -20.07 2.27
C ASP A 283 -14.85 -19.75 2.36
N PHE A 284 -15.58 -20.25 1.40
CA PHE A 284 -17.00 -20.00 1.21
C PHE A 284 -17.52 -21.37 0.90
N PRO A 285 -18.82 -21.61 1.18
CA PRO A 285 -19.32 -22.97 0.87
C PRO A 285 -19.71 -23.11 -0.59
N HIS A 286 -18.97 -22.48 -1.47
CA HIS A 286 -19.23 -22.44 -2.91
C HIS A 286 -17.96 -21.95 -3.58
N GLY A 287 -17.89 -22.13 -4.92
CA GLY A 287 -16.82 -21.61 -5.77
C GLY A 287 -17.19 -20.23 -6.32
N PRO A 288 -17.03 -20.02 -7.63
CA PRO A 288 -17.16 -18.66 -8.19
C PRO A 288 -18.45 -18.00 -7.76
N LYS A 289 -19.59 -18.68 -7.88
N LYS A 289 -19.58 -18.70 -7.87
CA LYS A 289 -20.90 -18.11 -7.46
CA LYS A 289 -20.89 -18.15 -7.45
C LYS A 289 -21.71 -19.07 -6.56
C LYS A 289 -21.67 -19.08 -6.48
N PRO A 290 -22.65 -18.54 -5.74
CA PRO A 290 -23.50 -19.46 -4.97
C PRO A 290 -24.08 -20.61 -5.80
N GLY A 291 -23.95 -21.79 -5.21
CA GLY A 291 -24.45 -23.00 -5.80
C GLY A 291 -23.37 -23.85 -6.44
N SER A 292 -22.19 -23.25 -6.73
CA SER A 292 -21.11 -23.96 -7.43
C SER A 292 -20.24 -24.63 -6.44
N SER A 293 -19.63 -25.76 -6.79
CA SER A 293 -18.70 -26.41 -5.87
C SER A 293 -17.53 -25.48 -5.56
N HIS A 294 -17.10 -25.46 -4.28
CA HIS A 294 -15.90 -24.83 -3.87
C HIS A 294 -14.68 -25.42 -4.60
N ARG A 295 -13.74 -24.56 -4.99
CA ARG A 295 -12.44 -25.11 -5.45
C ARG A 295 -11.28 -24.45 -4.72
N PRO A 296 -10.13 -25.16 -4.64
CA PRO A 296 -8.95 -24.70 -3.91
C PRO A 296 -8.55 -23.35 -4.56
N TRP A 297 -8.11 -22.39 -3.76
CA TRP A 297 -7.53 -21.13 -4.26
C TRP A 297 -6.51 -21.29 -5.39
N GLN A 298 -5.63 -22.31 -5.30
CA GLN A 298 -4.62 -22.53 -6.31
C GLN A 298 -5.20 -22.72 -7.72
N SER A 299 -6.41 -23.26 -7.84
CA SER A 299 -7.01 -23.59 -9.17
C SER A 299 -7.37 -22.31 -9.94
N TYR A 300 -7.41 -21.19 -9.26
CA TYR A 300 -7.72 -19.95 -9.93
C TYR A 300 -6.56 -19.24 -10.66
N PHE A 301 -5.34 -19.78 -10.51
CA PHE A 301 -4.12 -19.17 -11.05
C PHE A 301 -3.39 -20.09 -12.01
N ASP A 302 -3.01 -19.57 -13.17
CA ASP A 302 -2.10 -20.28 -14.10
C ASP A 302 -0.66 -20.37 -13.63
N LEU A 303 -0.32 -19.48 -12.71
CA LEU A 303 1.05 -19.37 -12.24
C LEU A 303 1.00 -18.74 -10.86
N ILE A 304 1.67 -19.38 -9.90
CA ILE A 304 1.75 -18.89 -8.52
C ILE A 304 3.19 -18.69 -8.17
N LEU A 305 3.54 -17.48 -7.75
CA LEU A 305 4.96 -17.20 -7.46
C LEU A 305 5.09 -16.53 -6.07
N VAL A 306 5.87 -17.14 -5.17
CA VAL A 306 6.07 -16.64 -3.81
C VAL A 306 7.53 -16.15 -3.68
N ASP A 307 7.86 -15.53 -2.55
CA ASP A 307 9.25 -15.00 -2.27
C ASP A 307 9.82 -14.21 -3.46
N ALA A 308 8.97 -13.37 -4.05
CA ALA A 308 9.24 -12.67 -5.30
C ALA A 308 10.39 -11.70 -5.19
N ARG A 309 10.52 -11.10 -4.00
N ARG A 309 10.57 -11.10 -4.01
CA ARG A 309 11.49 -10.05 -3.70
CA ARG A 309 11.56 -10.05 -3.82
C ARG A 309 11.37 -8.79 -4.60
C ARG A 309 11.36 -8.88 -4.80
N LYS A 310 10.13 -8.38 -4.88
CA LYS A 310 9.86 -7.12 -5.54
C LYS A 310 10.45 -6.02 -4.63
N PRO A 311 11.06 -4.94 -5.22
CA PRO A 311 11.24 -4.55 -6.64
C PRO A 311 12.35 -5.22 -7.45
N LEU A 312 13.37 -5.75 -6.79
CA LEU A 312 14.42 -6.53 -7.46
C LEU A 312 13.91 -7.52 -8.53
N PHE A 313 12.75 -8.14 -8.27
CA PHE A 313 12.05 -9.04 -9.21
C PHE A 313 11.87 -8.42 -10.58
N PHE A 314 11.71 -7.11 -10.61
CA PHE A 314 11.51 -6.42 -11.89
C PHE A 314 12.82 -6.01 -12.59
N GLY A 315 13.97 -6.26 -11.93
CA GLY A 315 15.30 -6.17 -12.50
C GLY A 315 15.92 -7.55 -12.69
N GLU A 316 17.06 -7.83 -12.04
N GLU A 316 17.02 -7.78 -11.98
CA GLU A 316 17.69 -9.14 -12.30
CA GLU A 316 17.79 -9.02 -12.07
C GLU A 316 17.08 -10.34 -11.52
C GLU A 316 16.99 -10.26 -11.61
N GLY A 317 16.15 -10.03 -10.61
CA GLY A 317 15.45 -11.05 -9.89
C GLY A 317 16.42 -11.85 -9.06
N THR A 318 16.03 -13.10 -8.83
CA THR A 318 16.88 -14.08 -8.13
C THR A 318 16.64 -15.38 -8.85
N VAL A 319 17.30 -16.40 -8.41
CA VAL A 319 17.18 -17.69 -9.02
C VAL A 319 15.74 -18.26 -8.82
N LEU A 320 15.16 -18.72 -9.94
CA LEU A 320 13.90 -19.42 -9.94
C LEU A 320 14.00 -20.76 -9.15
N ARG A 321 13.24 -20.85 -8.04
CA ARG A 321 13.12 -22.09 -7.26
C ARG A 321 11.71 -22.64 -7.37
N GLN A 322 11.56 -23.90 -6.97
CA GLN A 322 10.31 -24.60 -6.95
C GLN A 322 9.94 -24.92 -5.49
N VAL A 323 8.71 -24.60 -5.08
CA VAL A 323 8.27 -24.96 -3.72
C VAL A 323 7.80 -26.42 -3.66
N ASP A 324 8.27 -27.11 -2.63
CA ASP A 324 7.66 -28.37 -2.22
C ASP A 324 6.38 -28.09 -1.40
N THR A 325 5.20 -28.20 -2.02
CA THR A 325 3.96 -27.84 -1.34
C THR A 325 3.54 -28.81 -0.18
N LYS A 326 3.99 -30.07 -0.19
CA LYS A 326 3.80 -30.96 1.00
C LYS A 326 4.39 -30.35 2.31
N THR A 327 5.62 -29.82 2.22
CA THR A 327 6.36 -29.41 3.42
C THR A 327 6.43 -27.91 3.59
N GLY A 328 6.27 -27.15 2.51
CA GLY A 328 6.43 -25.71 2.57
C GLY A 328 7.86 -25.20 2.40
N LYS A 329 8.77 -26.12 2.14
CA LYS A 329 10.17 -25.79 1.90
C LYS A 329 10.45 -25.76 0.40
N LEU A 330 11.53 -25.08 0.03
CA LEU A 330 12.09 -25.11 -1.31
C LEU A 330 12.78 -26.41 -1.62
N LYS A 331 12.60 -26.94 -2.81
CA LYS A 331 13.44 -28.00 -3.29
C LYS A 331 14.81 -27.40 -3.54
N ILE A 332 15.82 -28.26 -3.49
CA ILE A 332 17.19 -27.86 -3.58
C ILE A 332 17.52 -27.66 -5.09
N GLY A 333 18.08 -26.48 -5.42
CA GLY A 333 18.53 -26.16 -6.74
C GLY A 333 17.58 -25.24 -7.50
N THR A 334 18.00 -24.88 -8.70
CA THR A 334 17.29 -23.98 -9.58
C THR A 334 16.40 -24.77 -10.47
N TYR A 335 15.17 -24.30 -10.58
CA TYR A 335 14.20 -24.97 -11.43
C TYR A 335 14.38 -24.62 -12.91
N THR A 336 14.52 -25.67 -13.72
CA THR A 336 14.91 -25.54 -15.15
C THR A 336 13.77 -26.05 -16.06
N GLY A 337 12.69 -26.57 -15.45
CA GLY A 337 11.54 -27.14 -16.19
C GLY A 337 10.54 -26.14 -16.76
N PRO A 338 9.45 -26.65 -17.35
CA PRO A 338 8.49 -25.75 -17.96
C PRO A 338 7.40 -25.45 -16.94
N LEU A 339 6.42 -24.65 -17.32
CA LEU A 339 5.25 -24.48 -16.47
C LEU A 339 4.46 -25.80 -16.42
N GLN A 340 4.23 -26.34 -15.22
CA GLN A 340 3.38 -27.51 -15.12
C GLN A 340 2.22 -27.28 -14.18
N HIS A 341 1.16 -28.05 -14.38
CA HIS A 341 -0.01 -27.91 -13.52
C HIS A 341 0.35 -28.12 -12.05
N GLY A 342 -0.07 -27.25 -11.16
CA GLY A 342 0.13 -27.52 -9.75
C GLY A 342 1.48 -27.21 -9.12
N ILE A 343 2.41 -26.68 -9.92
CA ILE A 343 3.74 -26.30 -9.41
C ILE A 343 3.72 -24.89 -8.78
N VAL A 344 4.48 -24.69 -7.70
CA VAL A 344 4.53 -23.38 -7.09
C VAL A 344 6.00 -22.90 -7.12
N TYR A 345 6.19 -21.70 -7.66
CA TYR A 345 7.53 -21.13 -7.74
C TYR A 345 7.90 -20.16 -6.65
N SER A 346 9.20 -20.01 -6.51
CA SER A 346 9.74 -19.06 -5.61
C SER A 346 10.90 -18.28 -6.25
N GLY A 347 10.90 -16.98 -6.01
CA GLY A 347 11.97 -16.11 -6.50
C GLY A 347 11.76 -15.78 -7.96
N GLY A 348 12.81 -15.94 -8.76
CA GLY A 348 12.71 -15.66 -10.25
C GLY A 348 12.75 -14.17 -10.57
N SER A 349 12.26 -13.79 -11.74
CA SER A 349 12.25 -12.40 -12.16
C SER A 349 10.97 -12.20 -12.94
N SER A 350 10.63 -10.96 -13.25
CA SER A 350 9.43 -10.71 -14.07
C SER A 350 9.49 -11.38 -15.43
N ASP A 351 10.70 -11.63 -15.96
CA ASP A 351 10.90 -12.32 -17.25
C ASP A 351 10.45 -13.77 -17.22
N THR A 352 10.52 -14.39 -16.05
CA THR A 352 10.04 -15.73 -15.83
C THR A 352 8.54 -15.79 -16.12
N ILE A 353 7.79 -14.83 -15.59
CA ILE A 353 6.37 -14.72 -15.87
C ILE A 353 6.01 -14.50 -17.35
N CYS A 354 6.69 -13.56 -17.99
CA CYS A 354 6.49 -13.35 -19.42
C CYS A 354 6.80 -14.57 -20.23
N ASP A 355 7.90 -15.25 -19.93
CA ASP A 355 8.28 -16.42 -20.69
C ASP A 355 7.33 -17.62 -20.44
N LEU A 356 7.04 -17.95 -19.18
CA LEU A 356 6.13 -19.09 -18.86
C LEU A 356 4.68 -18.88 -19.24
N LEU A 357 4.23 -17.63 -19.24
CA LEU A 357 2.89 -17.34 -19.69
C LEU A 357 2.81 -16.89 -21.13
N GLY A 358 3.93 -16.81 -21.85
CA GLY A 358 3.91 -16.33 -23.23
C GLY A 358 3.40 -14.92 -23.38
N ALA A 359 3.68 -14.02 -22.45
CA ALA A 359 3.21 -12.62 -22.59
C ALA A 359 4.32 -11.56 -22.87
N LYS A 360 3.91 -10.47 -23.46
CA LYS A 360 4.73 -9.27 -23.59
C LYS A 360 4.21 -8.39 -22.47
N GLY A 361 5.03 -7.47 -21.98
CA GLY A 361 4.62 -6.52 -20.96
C GLY A 361 3.26 -5.88 -21.09
N LYS A 362 2.90 -5.42 -22.29
CA LYS A 362 1.69 -4.66 -22.47
C LYS A 362 0.38 -5.49 -22.51
N ASP A 363 0.56 -6.81 -22.56
CA ASP A 363 -0.47 -7.83 -22.48
C ASP A 363 -0.81 -8.08 -21.00
N ILE A 364 -0.04 -7.51 -20.08
CA ILE A 364 -0.11 -7.86 -18.64
C ILE A 364 -0.74 -6.71 -17.92
N LEU A 365 -1.82 -6.97 -17.17
CA LEU A 365 -2.30 -6.00 -16.19
C LEU A 365 -1.89 -6.52 -14.82
N TYR A 366 -0.96 -5.81 -14.17
CA TYR A 366 -0.51 -6.09 -12.82
C TYR A 366 -1.19 -5.18 -11.78
N ILE A 367 -1.88 -5.84 -10.82
CA ILE A 367 -2.74 -5.21 -9.76
C ILE A 367 -2.00 -5.30 -8.42
N GLY A 368 -1.62 -4.17 -7.81
CA GLY A 368 -0.78 -4.19 -6.61
C GLY A 368 -1.11 -2.96 -5.77
N ASP A 369 -0.57 -2.87 -4.55
CA ASP A 369 -0.86 -1.77 -3.63
C ASP A 369 0.41 -0.93 -3.39
N HIS A 370 1.56 -1.44 -3.83
CA HIS A 370 2.83 -0.78 -3.52
C HIS A 370 3.26 0.08 -4.71
N ILE A 371 3.24 1.38 -4.50
CA ILE A 371 3.45 2.36 -5.50
C ILE A 371 4.82 2.24 -6.16
N PHE A 372 5.79 1.80 -5.38
CA PHE A 372 7.11 1.66 -5.83
C PHE A 372 7.32 0.22 -6.30
N GLY A 373 7.25 -0.73 -5.35
CA GLY A 373 7.60 -2.12 -5.56
C GLY A 373 6.70 -2.84 -6.54
N ASP A 374 5.45 -2.43 -6.63
CA ASP A 374 4.57 -3.10 -7.58
C ASP A 374 4.40 -2.28 -8.87
N ILE A 375 4.12 -1.00 -8.73
CA ILE A 375 3.55 -0.22 -9.81
C ILE A 375 4.65 0.50 -10.65
N LEU A 376 5.41 1.41 -10.01
CA LEU A 376 6.54 2.12 -10.63
C LEU A 376 7.55 1.23 -11.37
N LYS A 377 8.04 0.23 -10.69
CA LYS A 377 9.03 -0.66 -11.26
C LYS A 377 8.50 -1.58 -12.36
N SER A 378 7.31 -2.11 -12.23
CA SER A 378 6.81 -2.94 -13.36
C SER A 378 6.57 -2.02 -14.57
N LYS A 379 6.11 -0.79 -14.32
CA LYS A 379 5.86 0.13 -15.42
C LYS A 379 7.22 0.54 -16.05
N LYS A 380 8.17 1.03 -15.25
CA LYS A 380 9.42 1.58 -15.80
C LYS A 380 10.40 0.56 -16.40
N ARG A 381 10.46 -0.62 -15.81
CA ARG A 381 11.49 -1.55 -16.18
C ARG A 381 10.95 -2.51 -17.25
N GLN A 382 9.62 -2.64 -17.36
CA GLN A 382 9.09 -3.77 -18.14
C GLN A 382 7.95 -3.36 -19.04
N GLY A 383 7.39 -2.19 -18.83
CA GLY A 383 6.30 -1.76 -19.70
C GLY A 383 4.99 -2.48 -19.46
N TRP A 384 4.79 -3.00 -18.24
CA TRP A 384 3.52 -3.68 -17.84
C TRP A 384 2.44 -2.64 -17.67
N ARG A 385 1.18 -2.99 -17.92
CA ARG A 385 0.07 -2.12 -17.52
C ARG A 385 -0.18 -2.28 -16.01
N THR A 386 -0.74 -1.25 -15.38
CA THR A 386 -0.68 -1.20 -13.93
C THR A 386 -2.06 -0.80 -13.39
N PHE A 387 -2.43 -1.43 -12.26
CA PHE A 387 -3.65 -1.10 -11.51
C PHE A 387 -3.22 -0.97 -10.06
N LEU A 388 -3.36 0.24 -9.50
CA LEU A 388 -3.04 0.48 -8.13
C LEU A 388 -4.31 0.46 -7.29
N VAL A 389 -4.28 -0.42 -6.28
CA VAL A 389 -5.29 -0.53 -5.27
C VAL A 389 -4.92 0.47 -4.19
N ILE A 390 -5.84 1.30 -3.77
CA ILE A 390 -5.56 2.29 -2.69
C ILE A 390 -6.62 2.17 -1.60
N PRO A 391 -6.41 1.28 -0.57
CA PRO A 391 -7.51 0.96 0.38
C PRO A 391 -8.15 2.22 1.03
N GLU A 392 -7.31 3.19 1.40
CA GLU A 392 -7.81 4.45 2.00
C GLU A 392 -8.73 5.21 1.09
N LEU A 393 -8.74 4.88 -0.21
CA LEU A 393 -9.60 5.59 -1.13
C LEU A 393 -11.08 5.37 -0.73
N ALA A 394 -11.42 4.16 -0.24
CA ALA A 394 -12.76 3.86 0.27
C ALA A 394 -13.28 4.99 1.18
N GLN A 395 -12.46 5.42 2.16
CA GLN A 395 -12.80 6.58 3.01
C GLN A 395 -12.53 8.00 2.49
N GLU A 396 -11.43 8.24 1.76
CA GLU A 396 -11.10 9.57 1.23
C GLU A 396 -12.11 10.10 0.19
N LEU A 397 -12.76 9.19 -0.55
CA LEU A 397 -13.84 9.54 -1.42
C LEU A 397 -15.00 10.09 -0.58
N HIS A 398 -15.34 9.41 0.51
N HIS A 398 -15.36 9.41 0.53
CA HIS A 398 -16.43 9.87 1.37
CA HIS A 398 -16.41 9.92 1.43
C HIS A 398 -16.15 11.27 1.96
C HIS A 398 -16.10 11.35 1.80
N VAL A 399 -14.91 11.56 2.34
CA VAL A 399 -14.52 12.88 2.85
C VAL A 399 -14.50 13.92 1.77
N TRP A 400 -14.10 13.52 0.56
CA TRP A 400 -13.97 14.46 -0.57
C TRP A 400 -15.37 14.92 -1.00
N THR A 401 -16.36 14.02 -0.93
CA THR A 401 -17.74 14.35 -1.34
C THR A 401 -18.37 15.37 -0.37
N ASP A 402 -18.54 14.98 0.89
CA ASP A 402 -19.06 15.91 1.92
C ASP A 402 -18.02 16.87 2.53
N LYS A 403 -17.13 17.39 1.70
CA LYS A 403 -16.32 18.57 2.03
C LYS A 403 -16.00 19.21 0.69
N SER A 404 -16.94 19.05 -0.25
CA SER A 404 -16.85 19.63 -1.61
C SER A 404 -16.80 21.14 -1.54
N SER A 405 -17.83 21.66 -0.86
CA SER A 405 -18.01 23.07 -0.61
C SER A 405 -16.85 23.67 0.21
N LEU A 406 -16.06 22.82 0.86
CA LEU A 406 -14.81 23.25 1.53
C LEU A 406 -13.59 23.32 0.57
N PHE A 407 -13.44 22.32 -0.32
CA PHE A 407 -12.42 22.39 -1.38
C PHE A 407 -12.73 23.49 -2.38
N GLU A 408 -14.01 23.56 -2.76
CA GLU A 408 -14.49 24.53 -3.71
C GLU A 408 -14.32 25.96 -3.20
N GLU A 409 -14.57 26.15 -1.90
CA GLU A 409 -14.24 27.42 -1.26
C GLU A 409 -12.76 27.81 -1.45
N LEU A 410 -11.85 26.89 -1.12
CA LEU A 410 -10.41 27.11 -1.33
C LEU A 410 -10.11 27.42 -2.80
N GLN A 411 -10.79 26.70 -3.69
CA GLN A 411 -10.58 26.85 -5.12
C GLN A 411 -10.87 28.27 -5.63
N SER A 412 -11.97 28.85 -5.13
CA SER A 412 -12.39 30.21 -5.50
C SER A 412 -11.30 31.23 -5.14
N LEU A 413 -11.01 31.33 -3.84
CA LEU A 413 -9.97 32.22 -3.29
C LEU A 413 -8.74 32.39 -4.17
N ASP A 414 -8.21 31.28 -4.68
CA ASP A 414 -6.96 31.32 -5.46
C ASP A 414 -7.16 32.09 -6.75
N ARG A 439 -4.03 33.83 3.31
CA ARG A 439 -4.36 34.12 4.71
C ARG A 439 -5.59 33.35 5.17
N ARG A 440 -6.69 33.56 4.44
CA ARG A 440 -7.90 32.75 4.56
C ARG A 440 -7.63 31.40 3.86
N ILE A 441 -6.75 31.44 2.85
CA ILE A 441 -6.22 30.26 2.14
C ILE A 441 -5.50 29.30 3.11
N LYS A 442 -4.66 29.84 4.02
CA LYS A 442 -4.01 29.02 5.04
C LYS A 442 -5.03 28.40 6.01
N LYS A 443 -6.07 29.16 6.36
CA LYS A 443 -7.09 28.66 7.31
C LYS A 443 -7.96 27.56 6.67
N VAL A 444 -8.44 27.81 5.45
CA VAL A 444 -9.20 26.80 4.67
C VAL A 444 -8.46 25.45 4.49
N THR A 445 -7.22 25.54 4.01
CA THR A 445 -6.27 24.42 3.95
C THR A 445 -6.32 23.59 5.25
N HIS A 446 -6.08 24.25 6.39
CA HIS A 446 -6.09 23.60 7.70
C HIS A 446 -7.34 22.81 8.00
N ASP A 447 -8.51 23.43 7.97
CA ASP A 447 -9.75 22.66 8.28
C ASP A 447 -10.18 21.68 7.16
N MET A 448 -9.65 21.85 5.96
CA MET A 448 -9.82 20.83 4.93
C MET A 448 -8.99 19.64 5.37
N ASP A 449 -7.69 19.84 5.57
CA ASP A 449 -6.76 18.78 5.91
C ASP A 449 -7.18 17.98 7.16
N MET A 450 -7.64 18.70 8.20
CA MET A 450 -8.03 18.07 9.47
C MET A 450 -9.10 16.99 9.42
N CYS A 451 -10.04 17.11 8.47
CA CYS A 451 -11.07 16.08 8.31
C CYS A 451 -10.53 14.74 7.95
N TYR A 452 -9.29 14.71 7.43
CA TYR A 452 -8.68 13.43 7.03
C TYR A 452 -7.85 12.85 8.15
N GLY A 453 -7.36 13.69 9.07
CA GLY A 453 -6.42 13.23 10.06
C GLY A 453 -5.43 14.33 10.30
N MET A 454 -4.51 14.12 11.23
CA MET A 454 -3.56 15.14 11.62
C MET A 454 -2.52 15.40 10.55
N MET A 455 -2.28 14.40 9.72
CA MET A 455 -1.34 14.53 8.59
C MET A 455 -2.07 14.68 7.25
N GLY A 456 -3.36 14.99 7.29
CA GLY A 456 -4.12 15.37 6.10
C GLY A 456 -4.36 14.22 5.16
N SER A 457 -4.95 14.55 4.02
CA SER A 457 -5.18 13.62 2.98
C SER A 457 -3.88 13.01 2.39
N LEU A 458 -4.03 11.78 1.95
CA LEU A 458 -3.02 11.03 1.27
C LEU A 458 -2.62 11.75 -0.02
N PHE A 459 -3.56 12.49 -0.62
CA PHE A 459 -3.39 13.07 -1.98
C PHE A 459 -3.01 14.53 -2.13
N ARG A 460 -3.18 15.29 -1.06
CA ARG A 460 -3.00 16.74 -1.05
C ARG A 460 -2.99 17.32 0.38
N SER A 461 -2.40 18.50 0.51
CA SER A 461 -2.62 19.44 1.57
C SER A 461 -3.22 20.64 0.87
N GLY A 462 -4.52 20.81 0.98
CA GLY A 462 -5.17 21.96 0.35
C GLY A 462 -5.13 21.83 -1.16
N SER A 463 -4.50 22.83 -1.80
CA SER A 463 -4.41 22.89 -3.25
C SER A 463 -3.08 22.32 -3.80
N ARG A 464 -2.27 21.75 -2.93
N ARG A 464 -2.23 21.85 -2.89
CA ARG A 464 -0.98 21.19 -3.33
CA ARG A 464 -0.99 21.19 -3.25
C ARG A 464 -0.95 19.66 -3.25
C ARG A 464 -1.23 19.67 -3.31
N GLN A 465 -0.82 19.03 -4.41
CA GLN A 465 -0.74 17.58 -4.48
C GLN A 465 0.52 17.03 -3.80
N THR A 466 0.37 15.87 -3.18
CA THR A 466 1.52 15.22 -2.56
C THR A 466 2.35 14.48 -3.58
N LEU A 467 3.57 14.12 -3.20
CA LEU A 467 4.37 13.20 -3.94
C LEU A 467 3.59 11.94 -4.34
N PHE A 468 2.83 11.38 -3.40
CA PHE A 468 2.17 10.13 -3.60
C PHE A 468 1.13 10.31 -4.69
N ALA A 469 0.29 11.35 -4.61
CA ALA A 469 -0.63 11.68 -5.73
C ALA A 469 0.02 11.77 -7.14
N SER A 470 1.11 12.54 -7.27
N SER A 470 1.12 12.52 -7.22
CA SER A 470 1.81 12.62 -8.57
CA SER A 470 1.89 12.67 -8.46
C SER A 470 2.31 11.26 -9.08
C SER A 470 2.40 11.34 -9.05
N GLN A 471 2.84 10.42 -8.18
CA GLN A 471 3.28 9.08 -8.63
C GLN A 471 2.12 8.15 -8.98
N VAL A 472 1.02 8.26 -8.27
CA VAL A 472 -0.20 7.60 -8.74
C VAL A 472 -0.53 8.03 -10.15
N MET A 473 -0.65 9.34 -10.39
CA MET A 473 -0.98 9.86 -11.71
C MET A 473 0.03 9.47 -12.78
N ARG A 474 1.32 9.52 -12.41
N ARG A 474 1.32 9.48 -12.42
CA ARG A 474 2.46 9.15 -13.24
CA ARG A 474 2.37 9.13 -13.34
C ARG A 474 2.55 7.65 -13.61
C ARG A 474 2.54 7.62 -13.64
N TYR A 475 2.48 6.77 -12.62
CA TYR A 475 2.69 5.33 -12.83
C TYR A 475 1.50 4.36 -12.86
N ALA A 476 0.36 4.75 -12.31
CA ALA A 476 -0.77 3.82 -12.25
C ALA A 476 -1.70 4.17 -13.38
N ASP A 477 -1.84 3.29 -14.37
CA ASP A 477 -2.71 3.53 -15.53
C ASP A 477 -4.10 3.59 -15.03
N LEU A 478 -4.40 2.68 -14.09
CA LEU A 478 -5.72 2.58 -13.44
C LEU A 478 -5.56 2.50 -11.92
N TYR A 479 -6.58 2.93 -11.19
CA TYR A 479 -6.55 2.89 -9.75
C TYR A 479 -7.95 2.87 -9.15
N ALA A 480 -8.07 2.31 -7.96
CA ALA A 480 -9.43 2.13 -7.35
C ALA A 480 -9.25 1.84 -5.92
N ALA A 481 -10.35 1.97 -5.17
CA ALA A 481 -10.33 1.60 -3.75
C ALA A 481 -10.11 0.08 -3.61
N SER A 482 -10.50 -0.69 -4.64
CA SER A 482 -10.34 -2.14 -4.56
C SER A 482 -10.19 -2.69 -5.95
N PHE A 483 -9.48 -3.79 -6.16
CA PHE A 483 -9.45 -4.39 -7.54
C PHE A 483 -10.82 -5.02 -7.89
N ILE A 484 -11.65 -5.28 -6.90
CA ILE A 484 -12.96 -5.91 -7.17
C ILE A 484 -13.79 -5.01 -8.10
N ASN A 485 -13.50 -3.70 -8.09
CA ASN A 485 -14.18 -2.72 -8.96
C ASN A 485 -14.13 -3.08 -10.44
N LEU A 486 -13.10 -3.80 -10.88
CA LEU A 486 -13.08 -4.40 -12.20
C LEU A 486 -14.26 -5.28 -12.57
N LEU A 487 -14.89 -5.88 -11.55
CA LEU A 487 -16.03 -6.80 -11.77
C LEU A 487 -17.17 -6.09 -12.47
N TYR A 488 -17.26 -4.76 -12.26
CA TYR A 488 -18.38 -3.97 -12.75
C TYR A 488 -18.16 -3.37 -14.13
N TYR A 489 -17.11 -3.81 -14.83
CA TYR A 489 -16.83 -3.30 -16.16
C TYR A 489 -16.83 -4.52 -17.06
N PRO A 490 -17.39 -4.41 -18.30
CA PRO A 490 -17.46 -5.57 -19.21
C PRO A 490 -16.12 -6.08 -19.68
N PHE A 491 -16.14 -7.25 -20.27
CA PHE A 491 -14.90 -7.94 -20.68
C PHE A 491 -13.88 -7.03 -21.51
N SER A 492 -14.41 -6.21 -22.41
CA SER A 492 -13.60 -5.49 -23.39
C SER A 492 -13.77 -3.96 -23.28
N TYR A 493 -14.13 -3.51 -22.09
CA TYR A 493 -14.20 -2.10 -21.82
C TYR A 493 -12.89 -1.33 -22.26
N LEU A 494 -13.06 -0.16 -22.87
CA LEU A 494 -11.95 0.76 -23.09
C LEU A 494 -11.99 1.82 -22.03
N PHE A 495 -11.04 1.76 -21.11
CA PHE A 495 -10.91 2.86 -20.12
C PHE A 495 -10.22 4.03 -20.87
N ARG A 496 -10.82 5.22 -20.74
N ARG A 496 -10.83 5.22 -20.86
CA ARG A 496 -10.43 6.43 -21.48
CA ARG A 496 -10.28 6.38 -21.59
C ARG A 496 -9.88 7.53 -20.57
C ARG A 496 -9.92 7.55 -20.69
N ALA A 497 -8.73 8.11 -20.93
CA ALA A 497 -8.33 9.37 -20.33
C ALA A 497 -8.23 10.37 -21.51
N ALA A 498 -8.57 11.64 -21.31
CA ALA A 498 -8.37 12.72 -22.32
C ALA A 498 -6.90 12.80 -22.72
N HIS A 499 -6.60 12.89 -24.04
CA HIS A 499 -5.21 13.16 -24.50
C HIS A 499 -4.73 14.44 -23.83
N VAL A 500 -3.43 14.43 -23.51
CA VAL A 500 -2.73 15.51 -22.83
C VAL A 500 -2.15 16.47 -23.88
N LEU A 501 -2.20 17.75 -23.52
CA LEU A 501 -1.70 18.89 -24.33
C LEU A 501 -0.77 19.81 -23.50
N MET A 502 0.39 20.14 -24.05
CA MET A 502 1.25 21.20 -23.51
C MET A 502 0.53 22.55 -23.56
N PRO A 503 0.91 23.45 -22.67
CA PRO A 503 0.42 24.83 -22.64
C PRO A 503 0.41 25.57 -24.01
N HIS A 504 1.45 25.40 -24.82
CA HIS A 504 1.45 26.07 -26.11
C HIS A 504 0.57 25.35 -27.12
N GLU A 505 0.16 24.12 -26.84
CA GLU A 505 -0.71 23.39 -27.77
C GLU A 505 -2.22 23.66 -27.53
N SER A 506 -2.56 24.38 -26.46
CA SER A 506 -3.95 24.46 -25.94
C SER A 506 -4.78 25.56 -26.62
C3 DG2 B . 13.55 10.13 -13.06
C4 DG2 B . 12.97 10.03 -11.64
O2 DG2 B . 12.67 9.45 -13.97
O5 DG2 B . 11.54 10.22 -11.60
O7 DG2 B . 12.78 12.17 -13.99
O8 DG2 B . 14.77 12.14 -13.09
O9 DG2 B . 14.30 7.68 -14.67
O10 DG2 B . 11.93 7.75 -15.52
O11 DG2 B . 13.57 9.53 -16.24
P1 DG2 B . 13.18 8.52 -15.18
C7 DG2 B . 13.71 11.58 -13.40
P6 DG2 B . 10.79 10.11 -10.17
O15 DG2 B . 11.61 9.04 -9.47
O14 DG2 B . 10.97 11.50 -9.64
O13 DG2 B . 9.33 9.71 -10.42
C1 GOL C . -0.56 -23.06 -10.26
O1 GOL C . -0.47 -24.27 -9.54
C2 GOL C . 0.15 -23.24 -11.59
O2 GOL C . -0.39 -24.40 -12.21
C3 GOL C . 1.70 -23.19 -11.55
O3 GOL C . 2.38 -22.16 -10.78
P IMP D . 3.22 -8.68 -0.96
O1P IMP D . 2.21 -9.88 -1.04
O2P IMP D . 2.43 -7.40 -0.81
O3P IMP D . 4.02 -8.80 -2.23
O5' IMP D . 4.27 -8.65 0.28
C5' IMP D . 3.81 -8.99 1.54
C4' IMP D . 4.90 -9.54 2.44
O4' IMP D . 5.84 -8.54 2.73
C3' IMP D . 4.24 -9.94 3.76
O3' IMP D . 4.61 -11.27 4.00
C2' IMP D . 4.86 -8.98 4.79
O2' IMP D . 5.31 -9.62 5.97
C1' IMP D . 6.10 -8.48 4.12
N9 IMP D . 6.40 -7.12 4.59
C8 IMP D . 5.75 -5.96 4.25
N7 IMP D . 6.35 -4.91 4.86
C5 IMP D . 7.44 -5.37 5.54
C6 IMP D . 8.41 -4.75 6.33
O6 IMP D . 8.47 -3.51 6.49
N1 IMP D . 9.40 -5.52 6.91
C2 IMP D . 9.43 -6.88 6.71
N3 IMP D . 8.46 -7.50 5.93
C4 IMP D . 7.47 -6.76 5.37
MG MG E . 1.24 -5.98 -1.35
#